data_4AJU
#
_entry.id   4AJU
#
_cell.length_a   100.698
_cell.length_b   100.698
_cell.length_c   78.972
_cell.angle_alpha   90.00
_cell.angle_beta   90.00
_cell.angle_gamma   90.00
#
_symmetry.space_group_name_H-M   'P 41'
#
loop_
_entity.id
_entity.type
_entity.pdbx_description
1 polymer 'PROTEIN Z-DEPENDENT PROTEASE INHIBITOR'
2 polymer 'PROTEIN Z-DEPENDENT PROTEASE INHIBITOR'
3 non-polymer 'SULFATE ION'
4 non-polymer 1,2-ETHANEDIOL
5 water water
#
loop_
_entity_poly.entity_id
_entity_poly.type
_entity_poly.pdbx_seq_one_letter_code
_entity_poly.pdbx_strand_id
1 'polypeptide(L)'
;SAPSPQSPETPAPQNQTSRVVQAPKEEEEDEQEASEEKASEEEKAWLMASRQQLAKETSNFGFSLLRKISMRHDGNMVFS
PFGMSLAMTGLMLGATGPTETQIKRGLHLQALKPTKPGLLPSLFKGLRETLSRNLELGLTQGSFAFIHKDFDVKETFFNL
SKRYFDTECVPMNFRNASQAKRLMNHYINKETRGKIPKLFDEINPETKLILVDYILFKGKWLTPFDPVFTEVDTFHLDKY
KTIKVPMMYGAGKFASTFDKNFRCHVLKLPYQGNATMLVVLMEKMGDHLALEDYLTTDLVETWLRNMKTRNMEVFFPKFK
LDQKYEMHELLRQMGIRRIFSPFADLSELSATGRNLQVSRVLQRTVIEVDERGTEAVAGILSEITAR
;
A
2 'polypeptide(L)' SMPPVIKIDRPFHFMIYEETSGMLLFLGRVVNPTLL B
#
# COMPACT_ATOMS: atom_id res chain seq x y z
N SER A 35 28.68 -23.62 18.17
CA SER A 35 27.75 -24.79 18.29
C SER A 35 26.65 -24.73 17.22
N GLU A 36 25.41 -25.04 17.61
CA GLU A 36 24.26 -24.96 16.71
C GLU A 36 23.63 -23.57 16.81
N GLU A 37 23.71 -22.97 18.00
CA GLU A 37 23.18 -21.63 18.24
C GLU A 37 23.96 -20.54 17.50
N LYS A 38 25.29 -20.70 17.46
CA LYS A 38 26.15 -19.69 16.85
C LYS A 38 25.68 -19.32 15.44
N ALA A 39 25.51 -20.33 14.58
CA ALA A 39 25.12 -20.12 13.19
C ALA A 39 23.70 -19.57 13.04
N SER A 40 22.81 -19.95 13.96
CA SER A 40 21.42 -19.48 13.94
C SER A 40 21.25 -18.13 14.64
N GLU A 41 22.11 -17.83 15.63
CA GLU A 41 22.04 -16.56 16.35
C GLU A 41 22.51 -15.40 15.46
N GLU A 42 23.56 -15.65 14.69
CA GLU A 42 24.02 -14.70 13.67
C GLU A 42 22.94 -14.48 12.62
N GLU A 43 22.29 -15.58 12.23
CA GLU A 43 21.25 -15.54 11.20
C GLU A 43 19.99 -14.78 11.65
N LYS A 44 19.63 -14.87 12.93
CA LYS A 44 18.50 -14.11 13.46
C LYS A 44 18.79 -12.60 13.47
N ALA A 45 20.02 -12.23 13.81
CA ALA A 45 20.45 -10.84 13.78
C ALA A 45 20.34 -10.28 12.36
N TRP A 46 20.74 -11.10 11.39
CA TRP A 46 20.69 -10.73 9.99
C TRP A 46 19.27 -10.60 9.45
N LEU A 47 18.40 -11.52 9.84
CA LEU A 47 16.98 -11.50 9.47
C LEU A 47 16.31 -10.25 10.06
N MET A 48 16.57 -10.01 11.35
CA MET A 48 16.07 -8.83 12.04
C MET A 48 16.49 -7.53 11.34
N ALA A 49 17.75 -7.49 10.90
CA ALA A 49 18.29 -6.34 10.19
C ALA A 49 17.65 -6.21 8.82
N SER A 50 17.59 -7.32 8.09
CA SER A 50 17.04 -7.34 6.74
C SER A 50 15.57 -6.93 6.71
N ARG A 51 14.80 -7.35 7.71
CA ARG A 51 13.38 -7.01 7.77
C ARG A 51 13.16 -5.52 8.04
N GLN A 52 13.99 -4.93 8.90
CA GLN A 52 13.97 -3.48 9.08
C GLN A 52 14.32 -2.78 7.77
N GLN A 53 15.30 -3.31 7.05
CA GLN A 53 15.70 -2.72 5.78
C GLN A 53 14.56 -2.80 4.76
N LEU A 54 13.84 -3.92 4.74
CA LEU A 54 12.71 -4.08 3.82
C LEU A 54 11.54 -3.14 4.12
N ALA A 55 11.26 -2.92 5.41
CA ALA A 55 10.18 -2.03 5.82
C ALA A 55 10.50 -0.59 5.41
N LYS A 56 11.74 -0.19 5.68
CA LYS A 56 12.24 1.12 5.29
C LYS A 56 12.16 1.34 3.78
N GLU A 57 12.53 0.32 3.02
CA GLU A 57 12.58 0.43 1.56
C GLU A 57 11.17 0.51 0.96
N THR A 58 10.24 -0.24 1.54
CA THR A 58 8.83 -0.20 1.15
C THR A 58 8.19 1.16 1.43
N SER A 59 8.54 1.78 2.56
CA SER A 59 8.03 3.12 2.89
C SER A 59 8.53 4.15 1.90
N ASN A 60 9.82 4.10 1.58
CA ASN A 60 10.41 5.02 0.62
C ASN A 60 9.91 4.77 -0.79
N PHE A 61 9.66 3.50 -1.12
CA PHE A 61 9.06 3.17 -2.40
C PHE A 61 7.69 3.85 -2.46
N GLY A 62 6.95 3.74 -1.36
CA GLY A 62 5.64 4.38 -1.27
C GLY A 62 5.71 5.87 -1.48
N PHE A 63 6.66 6.52 -0.81
CA PHE A 63 6.77 7.97 -0.91
C PHE A 63 7.19 8.39 -2.31
N SER A 64 8.01 7.58 -2.98
CA SER A 64 8.33 7.84 -4.39
C SER A 64 7.09 7.81 -5.27
N LEU A 65 6.26 6.78 -5.12
CA LEU A 65 5.02 6.68 -5.86
C LEU A 65 4.11 7.88 -5.60
N LEU A 66 3.87 8.19 -4.33
CA LEU A 66 3.02 9.32 -3.95
C LEU A 66 3.44 10.57 -4.71
N ARG A 67 4.75 10.69 -4.87
CA ARG A 67 5.36 11.81 -5.57
C ARG A 67 5.01 11.78 -7.05
N LYS A 68 5.18 10.61 -7.68
CA LYS A 68 4.87 10.46 -9.09
C LYS A 68 3.38 10.63 -9.35
N ILE A 69 2.56 9.95 -8.53
CA ILE A 69 1.10 10.03 -8.67
C ILE A 69 0.60 11.48 -8.58
N SER A 70 1.15 12.24 -7.65
CA SER A 70 0.70 13.61 -7.41
C SER A 70 0.95 14.56 -8.59
N MET A 71 1.91 14.22 -9.45
CA MET A 71 2.20 15.05 -10.64
C MET A 71 1.04 15.12 -11.62
N ARG A 72 0.25 14.04 -11.72
CA ARG A 72 -0.90 14.01 -12.61
C ARG A 72 -2.23 14.29 -11.90
N HIS A 73 -2.38 13.73 -10.70
CA HIS A 73 -3.63 13.85 -9.96
C HIS A 73 -3.54 14.89 -8.84
N ASP A 74 -4.27 15.99 -8.99
CA ASP A 74 -4.59 16.85 -7.85
C ASP A 74 -5.74 16.20 -7.10
N GLY A 75 -6.02 16.64 -5.89
CA GLY A 75 -7.17 16.12 -5.12
C GLY A 75 -6.83 14.90 -4.30
N ASN A 76 -7.88 14.22 -3.84
CA ASN A 76 -7.76 13.04 -2.95
C ASN A 76 -6.96 11.91 -3.58
N MET A 77 -6.16 11.22 -2.79
CA MET A 77 -5.49 10.00 -3.25
C MET A 77 -5.24 8.97 -2.16
N VAL A 78 -5.25 7.71 -2.55
CA VAL A 78 -4.95 6.63 -1.65
C VAL A 78 -4.35 5.44 -2.41
N PHE A 79 -3.36 4.78 -1.83
CA PHE A 79 -2.86 3.52 -2.37
C PHE A 79 -2.09 2.71 -1.33
N SER A 80 -1.71 1.50 -1.71
CA SER A 80 -0.99 0.60 -0.83
C SER A 80 0.42 0.38 -1.34
N PRO A 81 1.42 1.00 -0.68
CA PRO A 81 2.82 0.72 -0.98
C PRO A 81 3.20 -0.74 -0.75
N PHE A 82 2.89 -1.26 0.43
CA PHE A 82 3.15 -2.65 0.75
C PHE A 82 2.61 -3.55 -0.37
N GLY A 83 1.31 -3.44 -0.65
CA GLY A 83 0.66 -4.25 -1.67
C GLY A 83 1.20 -4.03 -3.08
N MET A 84 1.57 -2.78 -3.38
CA MET A 84 2.18 -2.46 -4.66
C MET A 84 3.54 -3.15 -4.79
N SER A 85 4.35 -3.16 -3.73
CA SER A 85 5.66 -3.78 -3.82
C SER A 85 5.61 -5.31 -3.79
N LEU A 86 4.60 -5.88 -3.14
CA LEU A 86 4.35 -7.32 -3.26
C LEU A 86 4.03 -7.70 -4.70
N ALA A 87 3.18 -6.90 -5.34
CA ALA A 87 2.81 -7.10 -6.73
C ALA A 87 4.05 -7.15 -7.59
N MET A 88 4.90 -6.13 -7.44
CA MET A 88 6.10 -6.01 -8.26
C MET A 88 7.09 -7.12 -7.97
N THR A 89 7.31 -7.48 -6.70
CA THR A 89 8.24 -8.58 -6.40
C THR A 89 7.73 -9.88 -7.01
N GLY A 90 6.40 -9.98 -7.15
CA GLY A 90 5.77 -11.08 -7.86
C GLY A 90 6.20 -11.13 -9.31
N LEU A 91 6.22 -9.97 -9.97
CA LEU A 91 6.75 -9.88 -11.32
C LEU A 91 8.23 -10.24 -11.33
N MET A 92 9.01 -9.51 -10.53
CA MET A 92 10.45 -9.68 -10.42
C MET A 92 10.90 -11.16 -10.40
N LEU A 93 10.29 -11.95 -9.53
CA LEU A 93 10.56 -13.38 -9.47
C LEU A 93 9.80 -13.95 -10.65
N GLY A 94 10.50 -14.19 -11.75
CA GLY A 94 9.85 -14.39 -13.04
C GLY A 94 10.62 -13.71 -14.16
N ALA A 95 11.27 -12.59 -13.84
CA ALA A 95 12.18 -11.91 -14.76
C ALA A 95 13.65 -12.29 -14.51
N THR A 96 14.52 -12.02 -15.49
CA THR A 96 15.97 -12.16 -15.32
C THR A 96 16.68 -11.06 -16.12
N GLY A 97 17.94 -10.81 -15.80
CA GLY A 97 18.72 -9.82 -16.52
C GLY A 97 18.28 -8.41 -16.17
N PRO A 98 18.46 -7.44 -17.09
CA PRO A 98 18.03 -6.05 -16.89
C PRO A 98 16.54 -5.91 -16.55
N THR A 99 15.72 -6.82 -17.05
CA THR A 99 14.32 -6.85 -16.70
C THR A 99 14.12 -6.97 -15.18
N GLU A 100 14.84 -7.91 -14.55
CA GLU A 100 14.73 -8.12 -13.11
C GLU A 100 15.37 -7.00 -12.31
N THR A 101 16.62 -6.68 -12.64
CA THR A 101 17.40 -5.76 -11.83
C THR A 101 16.81 -4.35 -11.85
N GLN A 102 16.14 -3.97 -12.93
CA GLN A 102 15.41 -2.70 -12.98
C GLN A 102 14.29 -2.65 -11.96
N ILE A 103 13.64 -3.78 -11.71
CA ILE A 103 12.56 -3.83 -10.72
C ILE A 103 13.12 -3.68 -9.31
N LYS A 104 14.24 -4.35 -9.03
CA LYS A 104 14.89 -4.24 -7.71
C LYS A 104 15.25 -2.80 -7.36
N ARG A 105 15.77 -2.05 -8.34
CA ARG A 105 16.11 -0.64 -8.15
C ARG A 105 14.86 0.21 -7.90
N GLY A 106 13.82 0.00 -8.71
CA GLY A 106 12.57 0.75 -8.58
C GLY A 106 11.92 0.62 -7.22
N LEU A 107 11.97 -0.58 -6.66
CA LEU A 107 11.43 -0.84 -5.32
C LEU A 107 12.39 -0.43 -4.19
N HIS A 108 13.56 0.09 -4.54
CA HIS A 108 14.62 0.41 -3.59
C HIS A 108 15.13 -0.85 -2.88
N LEU A 109 15.06 -1.99 -3.55
CA LEU A 109 15.46 -3.25 -2.93
C LEU A 109 16.98 -3.44 -3.04
N GLN A 110 17.71 -2.73 -2.19
CA GLN A 110 19.17 -2.82 -2.14
C GLN A 110 19.64 -4.18 -1.63
N ALA A 111 20.90 -4.49 -1.90
CA ALA A 111 21.49 -5.75 -1.49
C ALA A 111 21.60 -5.87 0.04
N LEU A 112 21.90 -7.08 0.51
CA LEU A 112 22.11 -7.35 1.93
C LEU A 112 23.45 -8.07 2.09
N LYS A 113 23.75 -8.58 3.29
CA LYS A 113 25.01 -9.29 3.54
C LYS A 113 24.93 -10.72 2.98
N PRO A 114 26.07 -11.46 2.96
CA PRO A 114 26.00 -12.85 2.51
C PRO A 114 25.13 -13.74 3.39
N PRO A 117 23.49 -17.97 -1.63
CA PRO A 117 23.19 -18.40 -0.27
C PRO A 117 21.86 -19.15 -0.16
N GLY A 118 20.74 -18.46 -0.40
CA GLY A 118 19.41 -19.06 -0.42
C GLY A 118 18.60 -18.84 0.84
N LEU A 119 18.49 -17.58 1.27
CA LEU A 119 17.73 -17.22 2.48
C LEU A 119 16.57 -16.25 2.23
N LEU A 120 16.12 -16.14 0.98
CA LEU A 120 14.94 -15.33 0.65
C LEU A 120 13.63 -15.93 1.23
N PRO A 121 13.49 -17.27 1.22
CA PRO A 121 12.34 -17.90 1.86
C PRO A 121 12.19 -17.57 3.35
N SER A 122 13.32 -17.55 4.06
CA SER A 122 13.34 -17.23 5.47
C SER A 122 12.93 -15.78 5.74
N LEU A 123 13.19 -14.92 4.76
CA LEU A 123 12.82 -13.52 4.88
C LEU A 123 11.31 -13.33 4.75
N PHE A 124 10.70 -14.05 3.82
CA PHE A 124 9.25 -14.01 3.64
C PHE A 124 8.50 -14.71 4.76
N LYS A 125 9.07 -15.81 5.25
CA LYS A 125 8.52 -16.53 6.39
C LYS A 125 8.47 -15.61 7.60
N GLY A 126 9.54 -14.86 7.80
CA GLY A 126 9.63 -13.91 8.90
C GLY A 126 8.65 -12.76 8.81
N LEU A 127 8.33 -12.34 7.59
CA LEU A 127 7.39 -11.27 7.38
C LEU A 127 5.96 -11.73 7.71
N ARG A 128 5.58 -12.91 7.22
CA ARG A 128 4.28 -13.51 7.58
C ARG A 128 4.10 -13.65 9.07
N GLU A 129 5.13 -14.13 9.75
CA GLU A 129 5.08 -14.30 11.21
C GLU A 129 4.74 -12.99 11.88
N THR A 130 5.49 -11.94 11.53
CA THR A 130 5.33 -10.62 12.12
C THR A 130 3.92 -10.08 11.86
N LEU A 131 3.42 -10.28 10.64
CA LEU A 131 2.07 -9.86 10.29
C LEU A 131 0.97 -10.81 10.79
N SER A 132 1.35 -11.92 11.42
CA SER A 132 0.40 -12.89 11.97
C SER A 132 0.35 -12.93 13.49
N ARG A 133 1.43 -12.52 14.14
CA ARG A 133 1.52 -12.65 15.61
C ARG A 133 0.39 -11.97 16.35
N ASN A 134 -0.01 -10.79 15.91
CA ASN A 134 -1.07 -10.06 16.59
C ASN A 134 -2.43 -10.33 15.98
N LEU A 135 -3.25 -11.11 16.69
CA LEU A 135 -4.54 -11.54 16.17
C LEU A 135 -5.60 -10.43 16.08
N GLU A 136 -5.33 -9.25 16.64
CA GLU A 136 -6.28 -8.15 16.59
C GLU A 136 -6.04 -7.18 15.42
N LEU A 137 -5.00 -7.45 14.62
CA LEU A 137 -4.58 -6.50 13.58
C LEU A 137 -5.66 -6.26 12.54
N GLY A 138 -6.32 -7.33 12.09
CA GLY A 138 -7.38 -7.22 11.10
C GLY A 138 -6.87 -7.06 9.68
N LEU A 139 -5.72 -7.63 9.39
CA LEU A 139 -5.09 -7.52 8.08
C LEU A 139 -5.08 -8.87 7.38
N THR A 140 -5.66 -8.96 6.20
CA THR A 140 -5.51 -10.13 5.36
C THR A 140 -4.99 -9.72 3.99
N GLN A 141 -4.11 -10.52 3.41
CA GLN A 141 -3.66 -10.31 2.04
C GLN A 141 -3.79 -11.61 1.28
N GLY A 142 -3.84 -11.51 -0.04
CA GLY A 142 -3.96 -12.69 -0.90
C GLY A 142 -3.53 -12.42 -2.32
N SER A 143 -3.48 -13.50 -3.11
CA SER A 143 -2.94 -13.42 -4.46
C SER A 143 -3.61 -14.41 -5.42
N PHE A 144 -3.89 -13.92 -6.62
CA PHE A 144 -4.45 -14.74 -7.69
C PHE A 144 -3.53 -14.74 -8.88
N ALA A 145 -3.53 -15.85 -9.62
CA ALA A 145 -2.92 -15.94 -10.93
C ALA A 145 -3.99 -16.40 -11.91
N PHE A 146 -4.43 -15.49 -12.77
CA PHE A 146 -5.38 -15.83 -13.82
C PHE A 146 -4.61 -16.14 -15.09
N ILE A 147 -4.77 -17.37 -15.58
CA ILE A 147 -3.93 -17.93 -16.64
C ILE A 147 -4.72 -18.23 -17.92
N HIS A 148 -4.11 -17.95 -19.07
CA HIS A 148 -4.72 -18.19 -20.38
C HIS A 148 -4.64 -19.67 -20.75
N LYS A 149 -5.54 -20.09 -21.64
CA LYS A 149 -5.60 -21.46 -22.11
C LYS A 149 -4.22 -22.04 -22.41
N ASP A 150 -3.89 -23.17 -21.77
CA ASP A 150 -2.73 -24.00 -22.11
C ASP A 150 -1.35 -23.29 -22.12
N PHE A 151 -1.30 -22.10 -21.54
CA PHE A 151 -0.07 -21.30 -21.48
C PHE A 151 0.73 -21.78 -20.26
N ASP A 152 1.66 -22.70 -20.47
CA ASP A 152 2.30 -23.41 -19.36
C ASP A 152 3.34 -22.56 -18.60
N VAL A 153 3.12 -22.43 -17.29
CA VAL A 153 3.98 -21.68 -16.40
C VAL A 153 5.10 -22.57 -15.88
N LYS A 154 6.30 -22.00 -15.71
CA LYS A 154 7.44 -22.73 -15.16
C LYS A 154 7.12 -23.21 -13.74
N GLU A 155 7.65 -24.37 -13.37
CA GLU A 155 7.28 -25.01 -12.10
C GLU A 155 7.82 -24.24 -10.88
N THR A 156 9.07 -23.82 -10.94
CA THR A 156 9.71 -23.11 -9.83
C THR A 156 9.03 -21.78 -9.49
N PHE A 157 8.45 -21.13 -10.49
CA PHE A 157 7.71 -19.87 -10.26
C PHE A 157 6.36 -20.11 -9.63
N PHE A 158 5.67 -21.14 -10.11
CA PHE A 158 4.40 -21.56 -9.53
C PHE A 158 4.57 -21.86 -8.04
N ASN A 159 5.61 -22.64 -7.71
CA ASN A 159 5.88 -23.04 -6.32
C ASN A 159 6.14 -21.84 -5.42
N LEU A 160 7.08 -21.00 -5.84
CA LEU A 160 7.45 -19.80 -5.10
C LEU A 160 6.26 -18.90 -4.84
N SER A 161 5.40 -18.72 -5.84
CA SER A 161 4.22 -17.86 -5.68
C SER A 161 3.29 -18.34 -4.57
N LYS A 162 3.17 -19.65 -4.38
CA LYS A 162 2.39 -20.20 -3.27
C LYS A 162 3.16 -20.05 -1.96
N ARG A 163 4.46 -20.31 -2.00
CA ARG A 163 5.30 -20.23 -0.81
C ARG A 163 5.39 -18.82 -0.26
N TYR A 164 5.47 -17.82 -1.14
CA TYR A 164 5.68 -16.43 -0.72
C TYR A 164 4.37 -15.63 -0.60
N PHE A 165 3.40 -15.92 -1.46
CA PHE A 165 2.16 -15.13 -1.51
C PHE A 165 0.87 -15.94 -1.36
N ASP A 166 0.99 -17.27 -1.25
CA ASP A 166 -0.16 -18.17 -1.29
C ASP A 166 -1.06 -17.91 -2.50
N THR A 167 -0.45 -17.89 -3.68
CA THR A 167 -1.15 -17.57 -4.92
C THR A 167 -2.11 -18.70 -5.31
N GLU A 168 -3.28 -18.31 -5.80
CA GLU A 168 -4.31 -19.23 -6.23
C GLU A 168 -4.46 -19.15 -7.76
N CYS A 169 -4.27 -20.29 -8.43
CA CYS A 169 -4.35 -20.35 -9.90
C CYS A 169 -5.75 -20.69 -10.40
N VAL A 170 -6.21 -19.93 -11.40
CA VAL A 170 -7.53 -20.12 -11.99
C VAL A 170 -7.41 -20.06 -13.51
N PRO A 171 -7.75 -21.16 -14.22
CA PRO A 171 -7.73 -21.12 -15.69
C PRO A 171 -8.65 -20.03 -16.26
N MET A 172 -8.35 -19.58 -17.47
CA MET A 172 -9.06 -18.43 -18.06
C MET A 172 -9.02 -18.42 -19.59
N ASN A 173 -10.00 -17.74 -20.17
CA ASN A 173 -10.03 -17.46 -21.61
C ASN A 173 -10.21 -15.97 -21.84
N PHE A 174 -9.08 -15.26 -21.99
CA PHE A 174 -9.08 -13.80 -22.19
C PHE A 174 -9.52 -13.41 -23.61
N ARG A 175 -9.49 -14.38 -24.54
CA ARG A 175 -10.09 -14.20 -25.86
C ARG A 175 -11.58 -13.94 -25.74
N ASN A 176 -12.23 -14.70 -24.86
CA ASN A 176 -13.63 -14.47 -24.52
C ASN A 176 -13.68 -13.42 -23.41
N ALA A 177 -13.49 -12.16 -23.80
CA ALA A 177 -13.20 -11.06 -22.86
C ALA A 177 -14.32 -10.74 -21.87
N SER A 178 -15.53 -10.53 -22.38
CA SER A 178 -16.69 -10.23 -21.55
C SER A 178 -16.93 -11.30 -20.47
N GLN A 179 -16.71 -12.57 -20.82
CA GLN A 179 -16.91 -13.69 -19.90
C GLN A 179 -15.83 -13.73 -18.79
N ALA A 180 -14.58 -13.50 -19.18
CA ALA A 180 -13.46 -13.49 -18.24
C ALA A 180 -13.55 -12.31 -17.26
N LYS A 181 -14.06 -11.19 -17.75
CA LYS A 181 -14.30 -10.01 -16.92
C LYS A 181 -15.24 -10.35 -15.78
N ARG A 182 -16.41 -10.89 -16.11
CA ARG A 182 -17.41 -11.27 -15.11
C ARG A 182 -16.88 -12.28 -14.09
N LEU A 183 -16.11 -13.25 -14.55
CA LEU A 183 -15.60 -14.32 -13.69
C LEU A 183 -14.53 -13.81 -12.72
N MET A 184 -13.61 -12.98 -13.23
CA MET A 184 -12.57 -12.38 -12.39
C MET A 184 -13.11 -11.34 -11.41
N ASN A 185 -14.09 -10.55 -11.84
CA ASN A 185 -14.72 -9.56 -10.97
C ASN A 185 -15.50 -10.24 -9.84
N HIS A 186 -16.02 -11.44 -10.08
CA HIS A 186 -16.67 -12.24 -9.04
C HIS A 186 -15.69 -12.65 -7.94
N TYR A 187 -14.51 -13.11 -8.35
CA TYR A 187 -13.47 -13.53 -7.42
C TYR A 187 -12.95 -12.39 -6.54
N ILE A 188 -12.70 -11.23 -7.15
CA ILE A 188 -12.20 -10.07 -6.38
C ILE A 188 -13.29 -9.47 -5.49
N ASN A 189 -14.53 -9.42 -5.98
CA ASN A 189 -15.67 -8.99 -5.18
C ASN A 189 -15.87 -9.88 -3.93
N LYS A 190 -15.71 -11.19 -4.10
CA LYS A 190 -15.78 -12.14 -2.99
C LYS A 190 -14.74 -11.80 -1.92
N GLU A 191 -13.47 -11.79 -2.32
CA GLU A 191 -12.36 -11.65 -1.39
C GLU A 191 -12.26 -10.26 -0.79
N THR A 192 -12.57 -9.23 -1.56
CA THR A 192 -12.61 -7.85 -1.03
C THR A 192 -13.93 -7.58 -0.28
N ARG A 193 -14.76 -8.61 -0.15
CA ARG A 193 -15.98 -8.57 0.66
C ARG A 193 -16.91 -7.45 0.23
N GLY A 194 -17.02 -7.26 -1.10
CA GLY A 194 -17.98 -6.32 -1.67
C GLY A 194 -17.49 -4.90 -1.90
N LYS A 195 -16.29 -4.57 -1.42
CA LYS A 195 -15.79 -3.18 -1.47
C LYS A 195 -15.06 -2.79 -2.77
N ILE A 196 -14.67 -3.79 -3.57
CA ILE A 196 -14.21 -3.55 -4.96
C ILE A 196 -14.94 -4.53 -5.88
N PRO A 197 -16.18 -4.21 -6.26
CA PRO A 197 -16.98 -5.14 -7.06
C PRO A 197 -16.52 -5.30 -8.53
N LYS A 198 -15.93 -4.25 -9.10
CA LYS A 198 -15.47 -4.32 -10.48
C LYS A 198 -14.06 -3.73 -10.63
N LEU A 199 -13.06 -4.54 -10.31
CA LEU A 199 -11.66 -4.17 -10.52
C LEU A 199 -11.34 -4.05 -12.01
N PHE A 200 -11.81 -5.01 -12.81
CA PHE A 200 -11.55 -5.03 -14.26
C PHE A 200 -12.62 -4.30 -15.08
N ASP A 201 -12.16 -3.45 -16.00
CA ASP A 201 -13.06 -2.73 -16.90
C ASP A 201 -12.96 -3.33 -18.32
N GLU A 202 -11.79 -3.22 -18.93
CA GLU A 202 -11.55 -3.75 -20.28
C GLU A 202 -10.54 -4.88 -20.19
N ILE A 203 -10.69 -5.87 -21.06
CA ILE A 203 -9.81 -7.03 -21.12
C ILE A 203 -9.12 -7.07 -22.47
N ASN A 204 -7.79 -7.00 -22.47
CA ASN A 204 -7.01 -7.15 -23.69
C ASN A 204 -7.03 -8.62 -24.11
N PRO A 205 -7.55 -8.93 -25.30
CA PRO A 205 -7.63 -10.33 -25.73
C PRO A 205 -6.29 -11.06 -25.84
N GLU A 206 -5.20 -10.31 -26.05
CA GLU A 206 -3.87 -10.88 -26.19
C GLU A 206 -3.23 -11.17 -24.82
N THR A 207 -4.01 -11.06 -23.74
CA THR A 207 -3.54 -11.36 -22.38
C THR A 207 -3.31 -12.85 -22.17
N LYS A 208 -2.10 -13.19 -21.71
CA LYS A 208 -1.74 -14.58 -21.42
C LYS A 208 -1.76 -14.93 -19.93
N LEU A 209 -1.64 -13.92 -19.07
CA LEU A 209 -1.63 -14.12 -17.63
C LEU A 209 -1.85 -12.80 -16.93
N ILE A 210 -2.71 -12.77 -15.93
CA ILE A 210 -2.77 -11.59 -15.07
C ILE A 210 -2.75 -11.96 -13.59
N LEU A 211 -1.84 -11.30 -12.85
CA LEU A 211 -1.60 -11.54 -11.44
C LEU A 211 -2.30 -10.48 -10.60
N VAL A 212 -3.24 -10.89 -9.77
CA VAL A 212 -3.91 -9.95 -8.87
C VAL A 212 -3.50 -10.19 -7.42
N ASP A 213 -3.12 -9.11 -6.75
CA ASP A 213 -2.81 -9.13 -5.34
C ASP A 213 -3.76 -8.18 -4.63
N TYR A 214 -4.30 -8.63 -3.51
CA TYR A 214 -5.21 -7.80 -2.73
C TYR A 214 -4.78 -7.73 -1.28
N ILE A 215 -5.16 -6.65 -0.61
CA ILE A 215 -4.88 -6.42 0.79
C ILE A 215 -6.12 -5.81 1.44
N LEU A 216 -6.53 -6.37 2.58
CA LEU A 216 -7.74 -5.95 3.26
C LEU A 216 -7.40 -5.61 4.69
N PHE A 217 -7.78 -4.41 5.14
CA PHE A 217 -7.47 -3.96 6.50
C PHE A 217 -8.72 -3.48 7.19
N LYS A 218 -9.10 -4.20 8.26
CA LYS A 218 -10.24 -3.85 9.10
C LYS A 218 -9.69 -3.42 10.44
N GLY A 219 -9.44 -2.13 10.58
CA GLY A 219 -8.92 -1.58 11.81
C GLY A 219 -10.01 -1.00 12.68
N LYS A 220 -9.93 -1.29 13.97
CA LYS A 220 -10.80 -0.70 14.99
C LYS A 220 -9.95 0.26 15.80
N TRP A 221 -10.45 1.45 16.07
CA TRP A 221 -9.68 2.42 16.86
C TRP A 221 -9.41 1.85 18.25
N LEU A 222 -8.26 2.17 18.82
CA LEU A 222 -7.93 1.77 20.19
C LEU A 222 -8.85 2.49 21.19
N THR A 223 -9.23 3.73 20.88
CA THR A 223 -10.37 4.36 21.55
C THR A 223 -11.29 4.92 20.47
N PRO A 224 -12.47 4.32 20.28
CA PRO A 224 -13.29 4.83 19.20
C PRO A 224 -13.90 6.20 19.52
N PHE A 225 -14.26 6.92 18.48
CA PHE A 225 -14.98 8.16 18.64
C PHE A 225 -16.43 7.77 18.91
N ASP A 226 -17.07 8.52 19.80
CA ASP A 226 -18.47 8.31 20.13
C ASP A 226 -19.32 9.10 19.14
N PRO A 227 -20.11 8.40 18.32
CA PRO A 227 -20.86 9.08 17.26
C PRO A 227 -21.88 10.11 17.75
N VAL A 228 -22.18 10.10 19.05
CA VAL A 228 -23.04 11.11 19.65
C VAL A 228 -22.44 12.51 19.57
N PHE A 229 -21.12 12.60 19.39
CA PHE A 229 -20.41 13.87 19.35
C PHE A 229 -19.93 14.27 17.94
N THR A 230 -20.26 13.46 16.94
CA THR A 230 -19.97 13.82 15.56
C THR A 230 -20.87 14.98 15.14
N GLU A 231 -20.27 16.06 14.64
CA GLU A 231 -21.00 17.28 14.31
C GLU A 231 -20.58 17.80 12.96
N VAL A 232 -21.44 18.59 12.32
CA VAL A 232 -21.11 19.27 11.07
C VAL A 232 -20.18 20.44 11.38
N ASP A 233 -19.14 20.59 10.56
CA ASP A 233 -18.13 21.61 10.77
C ASP A 233 -17.55 22.10 9.46
N THR A 234 -16.81 23.19 9.53
CA THR A 234 -16.21 23.82 8.36
C THR A 234 -14.83 23.23 8.05
N PHE A 235 -14.67 22.73 6.83
CA PHE A 235 -13.39 22.27 6.30
C PHE A 235 -12.90 23.29 5.27
N HIS A 236 -11.62 23.60 5.27
CA HIS A 236 -11.04 24.56 4.34
C HIS A 236 -10.42 23.86 3.13
N LEU A 237 -11.07 23.97 1.97
CA LEU A 237 -10.53 23.41 0.73
C LEU A 237 -9.28 24.18 0.28
N ASP A 238 -9.35 25.50 0.38
CA ASP A 238 -8.18 26.34 0.17
C ASP A 238 -8.31 27.65 0.94
N LYS A 239 -7.41 28.60 0.66
CA LYS A 239 -7.36 29.89 1.35
C LYS A 239 -8.67 30.69 1.25
N TYR A 240 -9.45 30.44 0.19
CA TYR A 240 -10.71 31.15 -0.05
C TYR A 240 -11.95 30.29 0.18
N LYS A 241 -12.00 29.12 -0.46
CA LYS A 241 -13.17 28.22 -0.38
C LYS A 241 -13.19 27.34 0.88
N THR A 242 -14.41 27.06 1.35
CA THR A 242 -14.64 26.08 2.43
C THR A 242 -15.83 25.20 2.09
N ILE A 243 -16.01 24.14 2.87
CA ILE A 243 -17.16 23.24 2.73
C ILE A 243 -17.50 22.65 4.10
N LYS A 244 -18.74 22.20 4.26
CA LYS A 244 -19.19 21.60 5.52
C LYS A 244 -19.10 20.06 5.45
N VAL A 245 -18.55 19.46 6.51
CA VAL A 245 -18.26 18.01 6.56
C VAL A 245 -18.52 17.47 7.96
N PRO A 246 -18.89 16.17 8.08
CA PRO A 246 -19.01 15.59 9.42
C PRO A 246 -17.66 15.48 10.13
N MET A 247 -17.54 16.08 11.32
CA MET A 247 -16.32 15.97 12.14
C MET A 247 -16.56 15.07 13.35
N MET A 248 -15.74 14.04 13.48
CA MET A 248 -15.77 13.19 14.65
C MET A 248 -14.96 13.85 15.75
N TYR A 249 -15.29 13.58 17.01
CA TYR A 249 -14.66 14.27 18.14
C TYR A 249 -14.22 13.32 19.23
N GLY A 250 -12.95 13.38 19.63
CA GLY A 250 -12.47 12.65 20.79
C GLY A 250 -11.66 13.51 21.72
N ALA A 251 -11.75 13.24 23.02
CA ALA A 251 -10.99 13.98 24.02
C ALA A 251 -10.28 12.98 24.91
N GLY A 252 -8.96 13.02 24.94
CA GLY A 252 -8.21 12.17 25.83
C GLY A 252 -6.75 12.21 25.50
N LYS A 253 -6.04 11.17 25.92
CA LYS A 253 -4.61 11.05 25.68
C LYS A 253 -4.37 10.73 24.20
N PHE A 254 -3.63 11.60 23.53
CA PHE A 254 -3.15 11.38 22.15
C PHE A 254 -1.67 11.70 22.06
N ALA A 255 -0.98 11.05 21.13
CA ALA A 255 0.44 11.30 20.89
C ALA A 255 0.59 12.19 19.66
N SER A 256 1.39 13.24 19.79
CA SER A 256 1.54 14.20 18.69
C SER A 256 2.84 14.97 18.78
N THR A 257 3.15 15.68 17.72
CA THR A 257 4.30 16.56 17.70
C THR A 257 4.12 17.63 16.65
N PHE A 258 4.97 18.64 16.72
CA PHE A 258 4.93 19.76 15.81
C PHE A 258 6.30 19.93 15.16
N ASP A 259 6.38 19.67 13.86
CA ASP A 259 7.59 19.92 13.12
C ASP A 259 7.64 21.41 12.78
N LYS A 260 8.63 22.10 13.31
CA LYS A 260 8.73 23.54 13.14
C LYS A 260 9.26 23.93 11.76
N ASN A 261 10.03 23.04 11.13
CA ASN A 261 10.55 23.28 9.77
C ASN A 261 9.44 23.28 8.71
N PHE A 262 8.70 22.17 8.64
CA PHE A 262 7.58 22.06 7.72
C PHE A 262 6.31 22.76 8.25
N ARG A 263 6.33 23.18 9.52
CA ARG A 263 5.20 23.89 10.11
C ARG A 263 3.94 23.03 10.06
N CYS A 264 4.03 21.81 10.61
CA CYS A 264 2.92 20.87 10.56
C CYS A 264 2.78 20.08 11.85
N HIS A 265 1.52 19.78 12.21
CA HIS A 265 1.23 18.86 13.31
C HIS A 265 1.20 17.43 12.80
N VAL A 266 1.79 16.51 13.56
CA VAL A 266 1.70 15.09 13.26
C VAL A 266 1.01 14.39 14.42
N LEU A 267 -0.01 13.57 14.15
CA LEU A 267 -0.82 12.96 15.20
C LEU A 267 -0.98 11.44 15.00
N LYS A 268 -0.83 10.66 16.08
CA LYS A 268 -1.03 9.20 16.03
C LYS A 268 -2.45 8.85 16.43
N LEU A 269 -3.12 8.11 15.56
CA LEU A 269 -4.45 7.58 15.86
C LEU A 269 -4.34 6.06 15.87
N PRO A 270 -4.08 5.48 17.05
CA PRO A 270 -3.75 4.06 17.12
C PRO A 270 -4.93 3.14 16.86
N TYR A 271 -4.65 1.99 16.26
CA TYR A 271 -5.65 0.95 16.06
C TYR A 271 -5.43 -0.15 17.09
N GLN A 272 -6.36 -1.08 17.16
CA GLN A 272 -6.11 -2.32 17.87
C GLN A 272 -5.13 -3.15 17.05
N GLY A 273 -4.41 -4.04 17.71
CA GLY A 273 -3.52 -4.98 17.02
C GLY A 273 -2.18 -4.40 16.61
N ASN A 274 -1.81 -3.29 17.24
CA ASN A 274 -0.51 -2.68 17.03
C ASN A 274 -0.30 -2.08 15.63
N ALA A 275 -1.36 -1.50 15.09
CA ALA A 275 -1.27 -0.68 13.89
C ALA A 275 -1.60 0.75 14.30
N THR A 276 -1.39 1.70 13.40
CA THR A 276 -1.65 3.09 13.70
C THR A 276 -1.79 3.96 12.44
N MET A 277 -2.55 5.05 12.55
CA MET A 277 -2.65 6.03 11.47
C MET A 277 -1.87 7.28 11.87
N LEU A 278 -0.87 7.64 11.09
CA LEU A 278 -0.23 8.96 11.24
C LEU A 278 -1.02 9.94 10.41
N VAL A 279 -1.35 11.07 11.01
CA VAL A 279 -2.00 12.15 10.28
C VAL A 279 -1.07 13.36 10.28
N VAL A 280 -0.81 13.91 9.10
CA VAL A 280 0.06 15.09 8.97
C VAL A 280 -0.74 16.27 8.44
N LEU A 281 -0.87 17.28 9.28
CA LEU A 281 -1.65 18.47 8.97
C LEU A 281 -0.71 19.65 8.86
N MET A 282 -0.67 20.29 7.69
CA MET A 282 0.10 21.51 7.47
C MET A 282 -0.65 22.69 8.08
N GLU A 283 0.08 23.62 8.68
CA GLU A 283 -0.53 24.75 9.39
C GLU A 283 -1.02 25.82 8.42
N LYS A 284 -0.31 26.00 7.32
CA LYS A 284 -0.69 27.02 6.33
C LYS A 284 -1.13 26.40 5.00
N MET A 285 -2.03 27.10 4.32
CA MET A 285 -2.55 26.69 3.01
C MET A 285 -1.51 27.01 1.93
N ASP A 287 -0.45 25.01 -1.07
CA ASP A 287 0.36 23.93 -0.52
C ASP A 287 1.58 24.50 0.22
N HIS A 288 2.19 25.53 -0.37
CA HIS A 288 3.46 26.15 0.10
C HIS A 288 4.65 25.18 -0.02
N LEU A 289 5.16 24.64 1.09
CA LEU A 289 6.19 23.60 1.04
C LEU A 289 5.49 22.26 0.94
N ALA A 290 5.42 21.71 -0.28
CA ALA A 290 4.70 20.45 -0.52
C ALA A 290 5.43 19.30 0.15
N LEU A 291 4.82 18.75 1.21
CA LEU A 291 5.41 17.65 1.96
C LEU A 291 5.82 16.49 1.06
N GLU A 292 4.97 16.11 0.11
CA GLU A 292 5.24 15.04 -0.84
C GLU A 292 6.71 14.96 -1.25
N ASP A 293 7.28 16.11 -1.59
CA ASP A 293 8.63 16.16 -2.18
C ASP A 293 9.76 16.02 -1.16
N TYR A 294 9.45 16.06 0.13
CA TYR A 294 10.48 15.96 1.19
C TYR A 294 10.28 14.74 2.09
N LEU A 295 9.30 13.89 1.75
CA LEU A 295 8.87 12.82 2.63
C LEU A 295 9.77 11.60 2.50
N THR A 296 10.33 11.17 3.64
CA THR A 296 11.29 10.05 3.70
C THR A 296 11.10 9.29 4.99
N THR A 297 11.70 8.11 5.07
CA THR A 297 11.69 7.29 6.28
C THR A 297 12.34 8.01 7.46
N ASP A 298 13.33 8.86 7.18
CA ASP A 298 14.02 9.59 8.25
C ASP A 298 13.15 10.70 8.84
N LEU A 299 12.42 11.40 7.99
CA LEU A 299 11.52 12.45 8.46
C LEU A 299 10.45 11.86 9.38
N VAL A 300 9.88 10.72 8.97
CA VAL A 300 8.88 10.04 9.78
C VAL A 300 9.48 9.52 11.09
N GLU A 301 10.70 8.99 11.01
CA GLU A 301 11.38 8.53 12.21
C GLU A 301 11.66 9.68 13.17
N THR A 302 11.98 10.85 12.62
CA THR A 302 12.20 12.04 13.44
C THR A 302 10.91 12.45 14.17
N TRP A 303 9.78 12.39 13.47
CA TRP A 303 8.51 12.69 14.12
C TRP A 303 8.24 11.69 15.24
N LEU A 304 8.34 10.40 14.94
CA LEU A 304 8.05 9.36 15.92
C LEU A 304 8.93 9.48 17.17
N ARG A 305 10.14 10.00 16.99
CA ARG A 305 11.07 10.23 18.08
C ARG A 305 10.64 11.43 18.95
N ASN A 306 10.06 12.45 18.32
CA ASN A 306 9.67 13.68 19.01
C ASN A 306 8.24 13.70 19.52
N MET A 307 7.53 12.57 19.40
CA MET A 307 6.16 12.49 19.91
C MET A 307 6.14 12.70 21.42
N LYS A 308 5.05 13.29 21.90
CA LYS A 308 4.77 13.34 23.34
C LYS A 308 3.29 13.10 23.54
N THR A 309 2.93 12.43 24.63
CA THR A 309 1.53 12.13 24.91
C THR A 309 0.96 13.15 25.90
N ARG A 310 -0.22 13.65 25.60
CA ARG A 310 -0.90 14.67 26.41
C ARG A 310 -2.41 14.52 26.28
N ASN A 311 -3.15 14.90 27.33
CA ASN A 311 -4.58 15.08 27.19
C ASN A 311 -4.81 16.17 26.18
N MET A 312 -5.61 15.89 25.16
CA MET A 312 -5.95 16.89 24.16
C MET A 312 -7.25 16.56 23.45
N GLU A 313 -7.77 17.53 22.70
CA GLU A 313 -9.02 17.36 21.98
C GLU A 313 -8.74 17.25 20.49
N VAL A 314 -9.38 16.29 19.84
CA VAL A 314 -9.13 15.99 18.44
C VAL A 314 -10.43 16.04 17.65
N PHE A 315 -10.46 16.87 16.60
CA PHE A 315 -11.53 16.83 15.61
C PHE A 315 -10.98 16.22 14.34
N PHE A 316 -11.68 15.22 13.81
CA PHE A 316 -11.16 14.45 12.69
C PHE A 316 -12.30 14.01 11.82
N PRO A 317 -12.25 14.35 10.51
CA PRO A 317 -13.39 14.10 9.62
C PRO A 317 -13.52 12.66 9.16
N LYS A 318 -14.75 12.22 8.99
CA LYS A 318 -15.05 10.95 8.31
C LYS A 318 -14.74 11.12 6.84
N PHE A 319 -14.29 10.07 6.18
CA PHE A 319 -14.14 10.11 4.73
C PHE A 319 -14.16 8.72 4.08
N LYS A 320 -14.69 8.66 2.87
CA LYS A 320 -14.50 7.51 1.98
C LYS A 320 -13.69 7.99 0.78
N LEU A 321 -12.72 7.18 0.36
CA LEU A 321 -12.04 7.41 -0.92
C LEU A 321 -12.11 6.18 -1.82
N ASP A 322 -12.03 6.42 -3.12
CA ASP A 322 -11.98 5.38 -4.11
C ASP A 322 -11.14 5.90 -5.27
N GLN A 323 -9.93 5.35 -5.40
CA GLN A 323 -8.97 5.81 -6.39
C GLN A 323 -8.42 4.68 -7.24
N LYS A 324 -8.03 5.03 -8.46
CA LYS A 324 -7.71 4.08 -9.50
C LYS A 324 -6.57 4.67 -10.32
N TYR A 325 -5.46 3.94 -10.40
CA TYR A 325 -4.25 4.45 -11.03
C TYR A 325 -3.67 3.43 -12.00
N GLU A 326 -3.45 3.89 -13.23
CA GLU A 326 -2.69 3.13 -14.22
C GLU A 326 -1.21 3.35 -13.95
N MET A 327 -0.58 2.34 -13.37
CA MET A 327 0.82 2.43 -12.94
C MET A 327 1.85 2.31 -14.06
N HIS A 328 1.43 1.80 -15.22
CA HIS A 328 2.31 1.57 -16.37
C HIS A 328 3.32 2.71 -16.58
N GLU A 329 2.83 3.89 -16.97
CA GLU A 329 3.72 5.01 -17.28
C GLU A 329 4.49 5.47 -16.04
N LEU A 330 3.83 5.46 -14.87
CA LEU A 330 4.48 5.87 -13.62
C LEU A 330 5.68 4.99 -13.29
N LEU A 331 5.49 3.67 -13.31
CA LEU A 331 6.57 2.72 -13.05
C LEU A 331 7.72 2.89 -14.04
N ARG A 332 7.37 3.25 -15.26
CA ARG A 332 8.35 3.52 -16.30
C ARG A 332 9.25 4.71 -15.90
N GLN A 333 8.64 5.75 -15.31
CA GLN A 333 9.40 6.89 -14.79
C GLN A 333 10.31 6.52 -13.62
N MET A 334 9.91 5.52 -12.84
CA MET A 334 10.75 5.02 -11.75
C MET A 334 11.87 4.11 -12.25
N GLY A 335 12.03 4.02 -13.56
CA GLY A 335 13.14 3.29 -14.15
C GLY A 335 12.85 1.83 -14.45
N ILE A 336 11.63 1.38 -14.15
CA ILE A 336 11.22 0.02 -14.48
C ILE A 336 10.70 0.02 -15.93
N ARG A 337 11.63 -0.19 -16.87
CA ARG A 337 11.37 0.00 -18.30
C ARG A 337 11.14 -1.30 -19.06
N ARG A 338 12.11 -2.21 -18.98
CA ARG A 338 12.20 -3.34 -19.90
C ARG A 338 11.06 -4.35 -19.77
N ILE A 339 10.50 -4.45 -18.58
CA ILE A 339 9.33 -5.30 -18.34
C ILE A 339 8.16 -4.92 -19.25
N PHE A 340 8.08 -3.64 -19.64
CA PHE A 340 7.02 -3.14 -20.52
C PHE A 340 7.39 -3.07 -22.00
N SER A 341 8.65 -3.36 -22.35
CA SER A 341 9.14 -3.22 -23.72
C SER A 341 9.06 -4.54 -24.49
N PRO A 342 9.12 -4.47 -25.83
CA PRO A 342 9.18 -5.68 -26.66
C PRO A 342 10.33 -6.66 -26.31
N PHE A 343 11.34 -6.19 -25.57
CA PHE A 343 12.49 -7.01 -25.19
C PHE A 343 12.44 -7.45 -23.72
N ALA A 344 11.22 -7.62 -23.18
CA ALA A 344 11.05 -8.07 -21.80
C ALA A 344 11.46 -9.53 -21.67
N ASP A 345 12.21 -9.84 -20.62
CA ASP A 345 12.74 -11.18 -20.40
C ASP A 345 12.09 -11.81 -19.17
N LEU A 346 10.99 -12.54 -19.40
CA LEU A 346 10.27 -13.21 -18.32
C LEU A 346 10.45 -14.72 -18.43
N SER A 347 11.69 -15.15 -18.63
CA SER A 347 11.99 -16.57 -18.89
C SER A 347 11.98 -17.45 -17.62
N GLU A 348 11.82 -16.83 -16.45
CA GLU A 348 11.60 -17.60 -15.21
C GLU A 348 10.11 -17.78 -14.93
N LEU A 349 9.27 -17.04 -15.67
CA LEU A 349 7.83 -17.20 -15.62
C LEU A 349 7.36 -18.29 -16.58
N SER A 350 7.94 -18.30 -17.79
CA SER A 350 7.63 -19.30 -18.80
C SER A 350 8.91 -19.83 -19.46
N ALA A 351 8.97 -21.15 -19.65
CA ALA A 351 10.09 -21.75 -20.36
C ALA A 351 10.21 -21.20 -21.78
N THR A 352 9.30 -21.63 -22.65
CA THR A 352 9.37 -21.32 -24.08
C THR A 352 8.92 -19.89 -24.41
N GLY A 353 7.73 -19.52 -23.94
CA GLY A 353 7.10 -18.24 -24.25
C GLY A 353 8.08 -17.08 -24.19
N ARG A 354 8.24 -16.38 -25.32
CA ARG A 354 9.22 -15.31 -25.43
C ARG A 354 8.57 -13.93 -25.62
N ASN A 355 7.65 -13.81 -26.57
CA ASN A 355 7.04 -12.51 -26.89
C ASN A 355 6.08 -12.03 -25.80
N LEU A 356 6.48 -12.21 -24.54
CA LEU A 356 5.69 -11.85 -23.37
C LEU A 356 6.15 -10.50 -22.81
N GLN A 357 5.20 -9.69 -22.35
CA GLN A 357 5.50 -8.44 -21.69
C GLN A 357 4.34 -8.02 -20.79
N VAL A 358 4.63 -7.16 -19.83
CA VAL A 358 3.57 -6.53 -19.06
C VAL A 358 3.05 -5.34 -19.88
N SER A 359 1.73 -5.27 -20.05
CA SER A 359 1.11 -4.16 -20.77
C SER A 359 0.45 -3.16 -19.82
N ARG A 360 -0.16 -3.66 -18.75
CA ARG A 360 -0.87 -2.83 -17.79
C ARG A 360 -0.60 -3.23 -16.34
N VAL A 361 -0.42 -2.23 -15.48
CA VAL A 361 -0.43 -2.44 -14.05
C VAL A 361 -1.40 -1.43 -13.47
N LEU A 362 -2.53 -1.93 -12.98
CA LEU A 362 -3.62 -1.11 -12.47
C LEU A 362 -3.74 -1.33 -10.97
N GLN A 363 -4.03 -0.27 -10.24
CA GLN A 363 -4.18 -0.36 -8.79
C GLN A 363 -5.44 0.36 -8.38
N ARG A 364 -6.32 -0.32 -7.67
CA ARG A 364 -7.54 0.30 -7.15
C ARG A 364 -7.62 0.16 -5.65
N THR A 365 -7.85 1.29 -4.98
CA THR A 365 -7.82 1.35 -3.53
C THR A 365 -9.04 2.10 -2.97
N VAL A 366 -9.68 1.51 -1.97
CA VAL A 366 -10.84 2.13 -1.32
C VAL A 366 -10.65 2.13 0.18
N ILE A 367 -10.96 3.27 0.80
CA ILE A 367 -10.79 3.42 2.23
C ILE A 367 -12.03 4.10 2.83
N GLU A 368 -12.38 3.73 4.05
CA GLU A 368 -13.54 4.30 4.73
C GLU A 368 -13.14 4.56 6.18
N VAL A 369 -13.07 5.82 6.58
CA VAL A 369 -12.74 6.18 7.96
C VAL A 369 -13.97 6.66 8.69
N ASP A 370 -14.07 6.23 9.94
CA ASP A 370 -15.34 6.06 10.63
C ASP A 370 -15.17 6.32 12.13
N GLU A 371 -16.28 6.35 12.87
CA GLU A 371 -16.21 6.43 14.32
C GLU A 371 -15.71 5.13 14.95
N ARG A 372 -15.91 4.02 14.25
CA ARG A 372 -15.51 2.71 14.77
C ARG A 372 -14.04 2.41 14.45
N GLY A 373 -13.55 2.94 13.33
CA GLY A 373 -12.20 2.63 12.86
C GLY A 373 -11.99 2.96 11.39
N THR A 374 -11.23 2.10 10.70
CA THR A 374 -10.92 2.29 9.30
C THR A 374 -11.02 0.95 8.59
N GLU A 375 -11.50 0.97 7.37
CA GLU A 375 -11.53 -0.22 6.53
C GLU A 375 -10.95 0.14 5.18
N ALA A 376 -9.84 -0.49 4.81
CA ALA A 376 -9.09 -0.14 3.61
C ALA A 376 -8.84 -1.37 2.78
N VAL A 377 -9.17 -1.29 1.50
CA VAL A 377 -8.92 -2.39 0.58
C VAL A 377 -8.19 -1.90 -0.65
N ALA A 378 -7.17 -2.64 -1.05
CA ALA A 378 -6.42 -2.37 -2.26
C ALA A 378 -6.38 -3.64 -3.09
N GLY A 379 -6.65 -3.50 -4.39
CA GLY A 379 -6.49 -4.60 -5.34
C GLY A 379 -5.50 -4.17 -6.40
N ILE A 380 -4.60 -5.05 -6.80
CA ILE A 380 -3.57 -4.71 -7.77
C ILE A 380 -3.40 -5.83 -8.78
N LEU A 381 -3.49 -5.47 -10.06
CA LEU A 381 -3.45 -6.45 -11.15
C LEU A 381 -2.32 -6.13 -12.12
N SER A 382 -1.76 -7.18 -12.72
CA SER A 382 -0.67 -7.04 -13.69
C SER A 382 -0.96 -7.82 -14.97
N GLU A 383 -1.19 -7.11 -16.07
CA GLU A 383 -1.53 -7.72 -17.35
C GLU A 383 -0.29 -8.20 -18.11
N ILE A 384 -0.07 -9.51 -18.18
CA ILE A 384 1.00 -10.05 -19.02
C ILE A 384 0.42 -10.49 -20.37
N THR A 385 1.01 -9.96 -21.45
CA THR A 385 0.45 -10.04 -22.82
C THR A 385 1.40 -10.77 -23.77
N ALA A 386 0.84 -11.33 -24.84
CA ALA A 386 1.64 -11.91 -25.93
C ALA A 386 1.71 -10.92 -27.09
N SER B 1 -3.62 24.78 31.70
CA SER B 1 -5.00 24.81 32.26
C SER B 1 -6.07 24.92 31.16
N MET B 2 -5.69 24.58 29.92
CA MET B 2 -6.62 24.55 28.80
C MET B 2 -6.09 23.60 27.72
N PRO B 3 -6.69 22.40 27.60
CA PRO B 3 -6.07 21.35 26.76
C PRO B 3 -5.84 21.78 25.30
N PRO B 4 -4.76 21.28 24.67
CA PRO B 4 -4.56 21.58 23.25
C PRO B 4 -5.69 21.01 22.42
N VAL B 5 -5.97 21.64 21.27
CA VAL B 5 -6.97 21.14 20.33
C VAL B 5 -6.33 21.03 18.97
N ILE B 6 -6.39 19.84 18.37
CA ILE B 6 -5.98 19.65 16.98
C ILE B 6 -7.23 19.44 16.15
N LYS B 7 -7.43 20.31 15.16
CA LYS B 7 -8.59 20.26 14.29
C LYS B 7 -8.14 20.01 12.86
N ILE B 8 -8.42 18.82 12.34
CA ILE B 8 -8.09 18.47 10.95
C ILE B 8 -9.15 19.10 10.07
N ASP B 9 -9.02 20.40 9.86
CA ASP B 9 -10.01 21.17 9.12
C ASP B 9 -9.41 21.72 7.84
N ARG B 10 -8.43 20.99 7.29
CA ARG B 10 -7.77 21.38 6.04
C ARG B 10 -7.03 20.19 5.44
N PRO B 11 -6.64 20.27 4.17
CA PRO B 11 -6.08 19.08 3.53
C PRO B 11 -4.95 18.44 4.34
N PHE B 12 -4.88 17.11 4.34
CA PHE B 12 -3.91 16.40 5.15
C PHE B 12 -3.46 15.11 4.52
N HIS B 13 -2.33 14.60 5.01
CA HIS B 13 -1.81 13.31 4.56
C HIS B 13 -1.97 12.27 5.66
N PHE B 14 -2.18 11.03 5.26
CA PHE B 14 -2.35 9.98 6.23
C PHE B 14 -1.53 8.76 5.85
N MET B 15 -1.14 7.98 6.86
CA MET B 15 -0.32 6.80 6.64
C MET B 15 -0.77 5.73 7.61
N ILE B 16 -1.10 4.55 7.11
CA ILE B 16 -1.43 3.44 8.01
C ILE B 16 -0.26 2.46 8.07
N TYR B 17 0.32 2.33 9.26
CA TYR B 17 1.51 1.52 9.49
C TYR B 17 1.19 0.34 10.37
N GLU B 18 1.81 -0.81 10.09
CA GLU B 18 1.82 -1.91 11.04
C GLU B 18 3.10 -1.78 11.84
N GLU B 19 2.96 -1.52 13.14
CA GLU B 19 4.06 -1.00 13.94
C GLU B 19 5.14 -2.01 14.29
N THR B 20 4.79 -3.29 14.29
CA THR B 20 5.76 -4.34 14.61
C THR B 20 6.78 -4.50 13.48
N SER B 21 6.30 -4.70 12.25
CA SER B 21 7.14 -4.84 11.06
C SER B 21 7.63 -3.49 10.55
N GLY B 22 6.80 -2.46 10.70
CA GLY B 22 7.12 -1.14 10.17
C GLY B 22 6.64 -0.96 8.74
N MET B 23 5.73 -1.82 8.30
CA MET B 23 5.27 -1.77 6.92
C MET B 23 4.22 -0.69 6.73
N LEU B 24 4.42 0.13 5.69
CA LEU B 24 3.47 1.13 5.28
C LEU B 24 2.37 0.45 4.47
N LEU B 25 1.22 0.20 5.10
CA LEU B 25 0.13 -0.50 4.45
C LEU B 25 -0.65 0.37 3.49
N PHE B 26 -0.94 1.60 3.91
CA PHE B 26 -1.67 2.55 3.09
C PHE B 26 -1.11 3.95 3.27
N LEU B 27 -1.18 4.72 2.19
CA LEU B 27 -0.59 6.05 2.14
C LEU B 27 -1.57 6.92 1.37
N GLY B 28 -1.85 8.12 1.88
CA GLY B 28 -2.82 8.97 1.19
C GLY B 28 -2.85 10.44 1.52
N ARG B 29 -3.63 11.16 0.72
CA ARG B 29 -3.89 12.58 0.89
C ARG B 29 -5.40 12.80 0.78
N VAL B 30 -5.95 13.54 1.73
CA VAL B 30 -7.35 13.93 1.70
C VAL B 30 -7.40 15.44 1.53
N VAL B 31 -7.95 15.88 0.40
CA VAL B 31 -8.05 17.29 0.03
C VAL B 31 -9.50 17.80 0.14
N ASN B 32 -10.45 16.87 0.14
CA ASN B 32 -11.87 17.17 0.26
C ASN B 32 -12.63 15.92 0.73
N PRO B 33 -13.00 15.86 2.03
CA PRO B 33 -13.60 14.65 2.61
C PRO B 33 -15.03 14.30 2.20
N THR B 34 -15.69 15.14 1.41
CA THR B 34 -17.10 14.93 1.07
C THR B 34 -17.30 14.19 -0.25
N LEU B 35 -16.22 13.73 -0.86
CA LEU B 35 -16.32 13.05 -2.15
C LEU B 35 -15.20 12.04 -2.40
N LEU B 36 -15.45 11.11 -3.32
CA LEU B 36 -14.51 10.03 -3.62
C LEU B 36 -13.23 10.54 -4.29
#